data_7KHY
#
_entry.id   7KHY
#
_cell.length_a   44.330
_cell.length_b   87.800
_cell.length_c   124.950
_cell.angle_alpha   90.000
_cell.angle_beta   90.000
_cell.angle_gamma   90.000
#
_symmetry.space_group_name_H-M   'C 2 2 21'
#
loop_
_entity.id
_entity.type
_entity.pdbx_description
1 polymer Beta-lactamase
2 non-polymer '(4R,5S)-3-{[(3S,5S)-5-(dimethylcarbamoyl)pyrrolidin-3-yl]sulfanyl}-5-[(2S,3R)-3-hydroxy-1-oxobutan-2-yl]-4-methyl-4,5-d ihydro-1H-pyrrole-2-carboxylic acid'
3 non-polymer (4S)-2-METHYL-2,4-PENTANEDIOL
4 non-polymer 'CHLORIDE ION'
5 non-polymer 'ZINC ION'
6 water water
#
_entity_poly.entity_id   1
_entity_poly.type   'polypeptide(L)'
_entity_poly.pdbx_seq_one_letter_code
;GHMWQENKSWNAHFTEHKSQGVVVLWNENKQQGFTNNLKRANQAFLPASTFAIPNSLIALDLGVVKDEHQVFKWDGQTRD
IATWNRDHNLITAMKYSVVPVYQEFARQIGEARMSKMLHAFDYGNEDISGNVDSFWLDGGIRISATEQISFLRKLYHNKL
HVSERSQRIVKQAMLTEANGDYIIRAKTGYDTKIGWWVGWVELDDNVWFFAMNMDMPTSDGLGLRQAITKEVLKQEKIIP
;
_entity_poly.pdbx_strand_id   A
#
# COMPACT_ATOMS: atom_id res chain seq x y z
N TRP A 4 -15.52 -15.36 1.15
CA TRP A 4 -15.76 -13.93 1.29
C TRP A 4 -17.17 -13.65 1.79
N GLN A 5 -17.26 -12.92 2.89
CA GLN A 5 -18.53 -12.59 3.53
C GLN A 5 -18.74 -11.08 3.52
N GLU A 6 -19.92 -10.65 3.13
CA GLU A 6 -20.25 -9.22 3.09
C GLU A 6 -20.98 -8.84 4.38
N ASN A 7 -20.42 -7.88 5.11
CA ASN A 7 -21.02 -7.34 6.33
C ASN A 7 -21.43 -5.90 6.03
N LYS A 8 -22.68 -5.72 5.59
CA LYS A 8 -23.16 -4.39 5.24
C LYS A 8 -23.34 -3.48 6.44
N SER A 9 -23.32 -4.03 7.66
CA SER A 9 -23.37 -3.19 8.85
C SER A 9 -22.10 -2.38 9.04
N TRP A 10 -21.00 -2.79 8.38
CA TRP A 10 -19.79 -1.99 8.41
C TRP A 10 -19.96 -0.66 7.68
N ASN A 11 -20.99 -0.54 6.85
CA ASN A 11 -21.22 0.72 6.12
C ASN A 11 -21.43 1.88 7.08
N ALA A 12 -21.95 1.61 8.28
CA ALA A 12 -22.12 2.66 9.27
C ALA A 12 -20.81 3.41 9.52
N HIS A 13 -19.68 2.70 9.52
CA HIS A 13 -18.40 3.35 9.78
C HIS A 13 -18.06 4.38 8.70
N PHE A 14 -18.53 4.17 7.48
CA PHE A 14 -18.33 5.18 6.45
C PHE A 14 -19.38 6.28 6.54
N THR A 15 -20.65 5.90 6.71
CA THR A 15 -21.73 6.88 6.72
C THR A 15 -21.67 7.79 7.95
N GLU A 16 -21.12 7.31 9.07
CA GLU A 16 -20.94 8.17 10.23
C GLU A 16 -19.99 9.31 9.94
N HIS A 17 -19.09 9.15 8.97
CA HIS A 17 -18.16 10.20 8.58
C HIS A 17 -18.55 10.87 7.28
N LYS A 18 -19.81 10.73 6.85
CA LYS A 18 -20.28 11.25 5.57
C LYS A 18 -19.37 10.79 4.44
N SER A 19 -18.94 9.54 4.50
CA SER A 19 -17.97 8.99 3.57
C SER A 19 -18.53 7.79 2.84
N GLN A 20 -17.87 7.43 1.74
CA GLN A 20 -18.17 6.19 1.03
C GLN A 20 -16.87 5.49 0.68
N GLY A 21 -16.84 4.18 0.82
CA GLY A 21 -15.63 3.43 0.55
C GLY A 21 -15.82 1.96 0.85
N VAL A 22 -14.70 1.25 0.90
CA VAL A 22 -14.70 -0.18 1.20
C VAL A 22 -13.56 -0.47 2.16
N VAL A 23 -13.83 -1.37 3.12
CA VAL A 23 -12.80 -2.00 3.92
C VAL A 23 -12.86 -3.49 3.65
N VAL A 24 -11.70 -4.09 3.40
CA VAL A 24 -11.58 -5.53 3.17
C VAL A 24 -10.62 -6.10 4.20
N LEU A 25 -11.04 -7.16 4.88
CA LEU A 25 -10.23 -7.83 5.88
C LEU A 25 -10.07 -9.30 5.50
N TRP A 26 -8.91 -9.86 5.83
CA TRP A 26 -8.62 -11.26 5.57
C TRP A 26 -7.99 -11.89 6.79
N ASN A 27 -8.68 -12.87 7.38
CA ASN A 27 -8.19 -13.62 8.53
C ASN A 27 -7.24 -14.71 8.01
N GLU A 28 -5.95 -14.57 8.29
CA GLU A 28 -4.98 -15.49 7.68
C GLU A 28 -5.13 -16.91 8.24
N ASN A 29 -5.40 -17.04 9.53
CA ASN A 29 -5.48 -18.39 10.11
C ASN A 29 -6.70 -19.12 9.58
N LYS A 30 -7.81 -18.42 9.41
CA LYS A 30 -9.06 -19.03 9.00
C LYS A 30 -9.25 -19.02 7.49
N GLN A 31 -8.42 -18.25 6.77
CA GLN A 31 -8.52 -18.12 5.31
C GLN A 31 -9.90 -17.62 4.90
N GLN A 32 -10.37 -16.61 5.61
CA GLN A 32 -11.69 -16.04 5.41
C GLN A 32 -11.59 -14.52 5.27
N GLY A 33 -12.36 -13.97 4.34
CA GLY A 33 -12.40 -12.55 4.12
C GLY A 33 -13.71 -11.90 4.48
N PHE A 34 -13.69 -10.61 4.80
CA PHE A 34 -14.87 -9.85 5.18
C PHE A 34 -14.79 -8.46 4.58
N THR A 35 -15.93 -7.95 4.10
CA THR A 35 -15.95 -6.62 3.51
C THR A 35 -17.35 -6.03 3.61
N ASN A 36 -17.42 -4.69 3.67
CA ASN A 36 -18.71 -4.02 3.67
C ASN A 36 -19.36 -4.04 2.29
N ASN A 37 -18.54 -4.11 1.22
CA ASN A 37 -19.05 -3.99 -0.15
C ASN A 37 -18.21 -4.91 -1.06
N LEU A 38 -18.76 -6.07 -1.40
CA LEU A 38 -18.01 -7.03 -2.22
C LEU A 38 -17.65 -6.44 -3.58
N LYS A 39 -18.56 -5.66 -4.17
CA LYS A 39 -18.31 -5.09 -5.48
C LYS A 39 -17.14 -4.11 -5.44
N ARG A 40 -17.22 -3.10 -4.57
CA ARG A 40 -16.14 -2.12 -4.50
C ARG A 40 -14.85 -2.76 -4.02
N ALA A 41 -14.94 -3.84 -3.23
CA ALA A 41 -13.76 -4.60 -2.86
C ALA A 41 -13.01 -5.09 -4.09
N ASN A 42 -13.71 -5.32 -5.20
CA ASN A 42 -13.11 -5.78 -6.44
C ASN A 42 -13.06 -4.69 -7.50
N GLN A 43 -13.28 -3.43 -7.13
CA GLN A 43 -13.09 -2.32 -8.06
C GLN A 43 -11.63 -1.91 -8.11
N ALA A 44 -11.08 -1.84 -9.31
CA ALA A 44 -9.67 -1.52 -9.50
C ALA A 44 -9.48 -0.01 -9.61
N PHE A 45 -8.50 0.51 -8.87
CA PHE A 45 -8.12 1.92 -8.91
C PHE A 45 -6.63 2.02 -9.15
N LEU A 46 -6.20 3.22 -9.57
CA LEU A 46 -4.78 3.56 -9.56
C LEU A 46 -4.21 3.24 -8.18
N PRO A 47 -3.03 2.63 -8.10
CA PRO A 47 -2.45 2.36 -6.77
C PRO A 47 -1.92 3.61 -6.08
N ALA A 48 -1.57 4.65 -6.84
CA ALA A 48 -0.97 5.90 -6.33
C ALA A 48 0.22 5.51 -5.45
N SER A 49 0.30 5.99 -4.21
CA SER A 49 1.51 5.81 -3.43
C SER A 49 1.61 4.42 -2.85
N THR A 50 0.55 3.60 -2.96
CA THR A 50 0.66 2.22 -2.51
C THR A 50 1.57 1.42 -3.42
N PHE A 51 1.91 1.95 -4.60
CA PHE A 51 2.87 1.30 -5.48
C PHE A 51 4.28 1.36 -4.90
N ALA A 52 4.46 2.10 -3.81
CA ALA A 52 5.78 2.15 -3.18
C ALA A 52 6.23 0.75 -2.78
N ILE A 53 5.30 -0.13 -2.42
CA ILE A 53 5.69 -1.45 -1.95
C ILE A 53 6.30 -2.26 -3.10
N PRO A 54 5.61 -2.48 -4.23
CA PRO A 54 6.26 -3.25 -5.32
C PRO A 54 7.49 -2.53 -5.87
N ASN A 55 7.42 -1.21 -5.99
CA ASN A 55 8.54 -0.44 -6.52
C ASN A 55 9.79 -0.65 -5.67
N SER A 56 9.65 -0.54 -4.35
CA SER A 56 10.79 -0.70 -3.46
C SER A 56 11.35 -2.12 -3.52
N LEU A 57 10.46 -3.11 -3.61
CA LEU A 57 10.90 -4.50 -3.71
C LEU A 57 11.76 -4.69 -4.95
N ILE A 58 11.25 -4.24 -6.10
CA ILE A 58 11.99 -4.40 -7.36
C ILE A 58 13.32 -3.64 -7.28
N ALA A 59 13.28 -2.41 -6.79
CA ALA A 59 14.50 -1.60 -6.70
C ALA A 59 15.56 -2.28 -5.83
N LEU A 60 15.15 -2.84 -4.69
CA LEU A 60 16.10 -3.56 -3.85
C LEU A 60 16.62 -4.82 -4.53
N ASP A 61 15.76 -5.57 -5.19
CA ASP A 61 16.19 -6.83 -5.77
C ASP A 61 17.12 -6.62 -6.96
N LEU A 62 16.98 -5.50 -7.65
CA LEU A 62 17.85 -5.19 -8.79
C LEU A 62 19.09 -4.41 -8.39
N GLY A 63 19.26 -4.08 -7.11
CA GLY A 63 20.40 -3.33 -6.67
C GLY A 63 20.28 -1.83 -6.80
N VAL A 64 19.15 -1.34 -7.32
CA VAL A 64 18.95 0.11 -7.41
C VAL A 64 19.04 0.74 -6.04
N VAL A 65 18.54 0.04 -5.01
CA VAL A 65 18.68 0.43 -3.62
C VAL A 65 19.48 -0.63 -2.91
N LYS A 66 20.50 -0.20 -2.14
CA LYS A 66 21.33 -1.17 -1.42
C LYS A 66 20.63 -1.67 -0.16
N ASP A 67 20.08 -0.75 0.64
CA ASP A 67 19.44 -1.12 1.90
C ASP A 67 18.60 0.07 2.37
N GLU A 68 18.00 -0.08 3.55
CA GLU A 68 17.10 0.92 4.09
C GLU A 68 17.83 2.14 4.65
N HIS A 69 19.17 2.10 4.69
CA HIS A 69 19.98 3.21 5.17
C HIS A 69 20.52 4.08 4.04
N GLN A 70 20.61 3.54 2.82
CA GLN A 70 21.21 4.26 1.71
C GLN A 70 20.47 5.56 1.45
N VAL A 71 21.24 6.65 1.34
CA VAL A 71 20.66 7.98 1.21
C VAL A 71 20.43 8.26 -0.27
N PHE A 72 19.21 8.70 -0.58
CA PHE A 72 18.89 9.23 -1.91
C PHE A 72 18.97 10.74 -1.82
N LYS A 73 20.01 11.32 -2.42
CA LYS A 73 20.20 12.76 -2.36
C LYS A 73 19.09 13.47 -3.11
N TRP A 74 18.52 14.50 -2.49
CA TRP A 74 17.55 15.36 -3.16
C TRP A 74 18.19 15.99 -4.38
N ASP A 75 17.44 16.01 -5.49
CA ASP A 75 17.98 16.54 -6.74
C ASP A 75 18.09 18.06 -6.75
N GLY A 76 17.61 18.75 -5.71
CA GLY A 76 17.68 20.19 -5.67
C GLY A 76 16.55 20.89 -6.38
N GLN A 77 15.56 20.13 -6.85
CA GLN A 77 14.32 20.70 -7.38
C GLN A 77 13.32 20.80 -6.24
N THR A 78 12.88 22.03 -5.94
CA THR A 78 11.91 22.23 -4.88
C THR A 78 10.51 21.90 -5.40
N ARG A 79 9.81 21.04 -4.68
CA ARG A 79 8.46 20.63 -5.03
C ARG A 79 7.50 21.04 -3.93
N ASP A 80 6.20 20.86 -4.19
CA ASP A 80 5.20 21.48 -3.33
C ASP A 80 5.13 20.81 -1.97
N ILE A 81 5.33 19.49 -1.91
CA ILE A 81 5.32 18.78 -0.64
C ILE A 81 6.64 19.06 0.08
N ALA A 82 6.56 19.72 1.24
CA ALA A 82 7.77 20.18 1.92
C ALA A 82 8.69 19.01 2.28
N THR A 83 8.11 17.90 2.74
CA THR A 83 8.90 16.75 3.16
C THR A 83 9.74 16.18 2.02
N TRP A 84 9.36 16.41 0.76
CA TRP A 84 10.09 15.83 -0.36
C TRP A 84 11.43 16.52 -0.62
N ASN A 85 11.56 17.80 -0.30
CA ASN A 85 12.75 18.57 -0.66
C ASN A 85 13.85 18.39 0.39
N ARG A 86 14.37 17.18 0.45
CA ARG A 86 15.44 16.83 1.37
C ARG A 86 15.94 15.44 1.03
N ASP A 87 17.03 15.05 1.67
CA ASP A 87 17.54 13.71 1.51
C ASP A 87 16.63 12.70 2.22
N HIS A 88 16.55 11.50 1.66
CA HIS A 88 15.69 10.46 2.19
C HIS A 88 16.40 9.12 2.10
N ASN A 89 15.92 8.17 2.91
CA ASN A 89 16.24 6.76 2.71
C ASN A 89 14.94 6.01 2.44
N LEU A 90 15.03 4.67 2.36
CA LEU A 90 13.84 3.88 2.05
C LEU A 90 12.77 4.02 3.12
N ILE A 91 13.17 4.18 4.38
CA ILE A 91 12.20 4.32 5.47
C ILE A 91 11.42 5.62 5.33
N THR A 92 12.14 6.74 5.20
CA THR A 92 11.47 8.03 5.14
C THR A 92 10.80 8.26 3.79
N ALA A 93 11.34 7.68 2.71
CA ALA A 93 10.65 7.75 1.42
C ALA A 93 9.26 7.13 1.51
N MET A 94 9.14 6.02 2.23
CA MET A 94 7.84 5.38 2.39
C MET A 94 6.96 6.17 3.34
N LYS A 95 7.53 6.65 4.45
CA LYS A 95 6.76 7.41 5.43
C LYS A 95 6.15 8.66 4.81
N TYR A 96 6.90 9.38 3.99
CA TYR A 96 6.45 10.64 3.42
C TYR A 96 6.02 10.53 1.97
N SER A 97 5.97 9.32 1.42
CA SER A 97 5.48 9.08 0.06
C SER A 97 6.21 9.98 -0.95
N VAL A 98 7.54 9.97 -0.88
CA VAL A 98 8.37 10.89 -1.64
C VAL A 98 8.44 10.42 -3.09
N VAL A 99 7.56 10.99 -3.93
CA VAL A 99 7.47 10.56 -5.33
C VAL A 99 8.79 10.68 -6.07
N PRO A 100 9.55 11.77 -5.97
CA PRO A 100 10.81 11.86 -6.74
C PRO A 100 11.73 10.66 -6.56
N VAL A 101 11.79 10.13 -5.33
CA VAL A 101 12.61 8.95 -5.06
C VAL A 101 12.09 7.77 -5.88
N TYR A 102 10.79 7.51 -5.82
CA TYR A 102 10.23 6.34 -6.49
C TYR A 102 10.28 6.48 -8.01
N GLN A 103 10.17 7.71 -8.54
CA GLN A 103 10.35 7.92 -9.97
C GLN A 103 11.77 7.58 -10.40
N GLU A 104 12.76 7.97 -9.60
CA GLU A 104 14.14 7.58 -9.89
C GLU A 104 14.31 6.07 -9.83
N PHE A 105 13.70 5.42 -8.83
CA PHE A 105 13.65 3.95 -8.81
C PHE A 105 13.16 3.41 -10.16
N ALA A 106 11.99 3.88 -10.59
CA ALA A 106 11.35 3.31 -11.77
C ALA A 106 12.19 3.53 -13.02
N ARG A 107 12.76 4.72 -13.18
CA ARG A 107 13.63 4.98 -14.33
C ARG A 107 14.81 4.01 -14.35
N GLN A 108 15.47 3.82 -13.21
CA GLN A 108 16.59 2.89 -13.16
C GLN A 108 16.14 1.45 -13.40
N ILE A 109 14.97 1.07 -12.89
CA ILE A 109 14.44 -0.27 -13.14
C ILE A 109 14.16 -0.46 -14.63
N GLY A 110 13.50 0.52 -15.26
CA GLY A 110 13.20 0.46 -16.67
C GLY A 110 11.90 -0.26 -16.96
N GLU A 111 11.36 0.03 -18.16
CA GLU A 111 10.05 -0.52 -18.54
C GLU A 111 10.09 -2.04 -18.60
N ALA A 112 11.14 -2.59 -19.23
CA ALA A 112 11.18 -4.04 -19.45
C ALA A 112 11.20 -4.81 -18.13
N ARG A 113 12.08 -4.41 -17.21
CA ARG A 113 12.16 -5.13 -15.94
C ARG A 113 10.95 -4.85 -15.06
N MET A 114 10.42 -3.62 -15.10
CA MET A 114 9.23 -3.31 -14.33
C MET A 114 8.05 -4.19 -14.77
N SER A 115 7.84 -4.30 -16.09
CA SER A 115 6.70 -5.06 -16.59
C SER A 115 6.82 -6.54 -16.22
N LYS A 116 8.01 -7.13 -16.44
CA LYS A 116 8.21 -8.52 -16.07
C LYS A 116 8.01 -8.75 -14.57
N MET A 117 8.48 -7.81 -13.75
CA MET A 117 8.38 -7.98 -12.31
C MET A 117 6.94 -7.95 -11.82
N LEU A 118 6.14 -6.99 -12.33
CA LEU A 118 4.75 -6.90 -11.92
C LEU A 118 3.95 -8.12 -12.36
N HIS A 119 4.30 -8.70 -13.52
CA HIS A 119 3.66 -9.95 -13.92
C HIS A 119 4.06 -11.09 -12.99
N ALA A 120 5.36 -11.18 -12.68
CA ALA A 120 5.80 -12.19 -11.73
C ALA A 120 5.18 -11.98 -10.35
N PHE A 121 4.83 -10.75 -10.03
CA PHE A 121 4.16 -10.45 -8.76
C PHE A 121 2.66 -10.68 -8.83
N ASP A 122 2.11 -10.92 -10.01
CA ASP A 122 0.66 -11.02 -10.21
C ASP A 122 -0.04 -9.75 -9.71
N TYR A 123 0.61 -8.61 -9.94
CA TYR A 123 0.19 -7.33 -9.36
C TYR A 123 -0.89 -6.64 -10.19
N GLY A 124 -2.12 -6.65 -9.70
CA GLY A 124 -3.23 -5.95 -10.34
C GLY A 124 -3.37 -6.33 -11.80
N ASN A 125 -3.60 -5.32 -12.64
CA ASN A 125 -3.77 -5.57 -14.06
C ASN A 125 -2.44 -5.75 -14.78
N GLU A 126 -1.32 -5.52 -14.09
CA GLU A 126 0.03 -5.75 -14.61
C GLU A 126 0.35 -4.87 -15.83
N ASP A 127 -0.26 -3.69 -15.88
CA ASP A 127 -0.17 -2.80 -17.04
C ASP A 127 0.59 -1.55 -16.64
N ILE A 128 1.70 -1.27 -17.32
CA ILE A 128 2.54 -0.13 -16.97
C ILE A 128 2.43 0.98 -18.01
N SER A 129 1.38 0.94 -18.84
CA SER A 129 1.19 1.95 -19.88
C SER A 129 1.31 3.36 -19.29
N GLY A 130 1.96 4.23 -20.04
CA GLY A 130 2.24 5.57 -19.61
C GLY A 130 3.73 5.77 -19.41
N ASN A 131 4.07 6.86 -18.72
CA ASN A 131 5.48 7.11 -18.43
C ASN A 131 6.00 6.04 -17.47
N VAL A 132 7.24 5.60 -17.70
CA VAL A 132 7.83 4.57 -16.85
C VAL A 132 7.95 5.07 -15.41
N ASP A 133 8.01 6.38 -15.23
CA ASP A 133 8.21 6.98 -13.91
C ASP A 133 6.93 7.62 -13.35
N SER A 134 5.79 7.46 -14.02
CA SER A 134 4.54 7.98 -13.45
C SER A 134 3.34 7.08 -13.71
N PHE A 135 3.52 5.87 -14.24
CA PHE A 135 2.36 5.06 -14.61
C PHE A 135 1.47 4.75 -13.43
N TRP A 136 2.04 4.56 -12.24
CA TRP A 136 1.24 4.28 -11.05
C TRP A 136 0.47 5.51 -10.55
N LEU A 137 0.73 6.68 -11.12
CA LEU A 137 0.06 7.91 -10.75
C LEU A 137 -0.92 8.39 -11.81
N ASP A 138 -0.56 8.29 -13.09
CA ASP A 138 -1.39 8.82 -14.16
C ASP A 138 -1.48 7.85 -15.36
N GLY A 139 -1.06 6.60 -15.20
CA GLY A 139 -1.05 5.64 -16.28
C GLY A 139 -2.17 4.62 -16.18
N GLY A 140 -1.94 3.47 -16.80
CA GLY A 140 -2.95 2.44 -16.86
C GLY A 140 -2.96 1.36 -15.79
N ILE A 141 -2.03 1.38 -14.83
CA ILE A 141 -2.03 0.31 -13.83
C ILE A 141 -3.20 0.49 -12.88
N ARG A 142 -3.88 -0.61 -12.58
CA ARG A 142 -5.02 -0.62 -11.68
C ARG A 142 -4.93 -1.83 -10.77
N ILE A 143 -5.42 -1.68 -9.54
CA ILE A 143 -5.46 -2.79 -8.60
C ILE A 143 -6.65 -2.61 -7.66
N SER A 144 -7.31 -3.72 -7.35
CA SER A 144 -8.44 -3.71 -6.44
C SER A 144 -7.97 -4.01 -5.02
N ALA A 145 -8.86 -3.74 -4.05
CA ALA A 145 -8.55 -4.04 -2.66
C ALA A 145 -8.26 -5.52 -2.43
N THR A 146 -9.07 -6.40 -3.05
CA THR A 146 -8.80 -7.84 -2.89
C THR A 146 -7.47 -8.22 -3.54
N GLU A 147 -7.13 -7.58 -4.66
CA GLU A 147 -5.85 -7.82 -5.31
C GLU A 147 -4.69 -7.28 -4.48
N GLN A 148 -4.89 -6.17 -3.76
CA GLN A 148 -3.88 -5.69 -2.83
C GLN A 148 -3.60 -6.72 -1.76
N ILE A 149 -4.66 -7.34 -1.21
CA ILE A 149 -4.48 -8.34 -0.16
C ILE A 149 -3.79 -9.57 -0.70
N SER A 150 -4.13 -9.99 -1.93
CA SER A 150 -3.44 -11.12 -2.55
C SER A 150 -1.94 -10.85 -2.63
N PHE A 151 -1.57 -9.66 -3.09
CA PHE A 151 -0.17 -9.28 -3.18
C PHE A 151 0.49 -9.22 -1.81
N LEU A 152 -0.18 -8.59 -0.84
CA LEU A 152 0.40 -8.43 0.49
C LEU A 152 0.58 -9.77 1.20
N ARG A 153 -0.32 -10.73 0.98
CA ARG A 153 -0.15 -12.05 1.58
C ARG A 153 1.14 -12.70 1.10
N LYS A 154 1.45 -12.56 -0.20
CA LYS A 154 2.70 -13.11 -0.71
C LYS A 154 3.89 -12.43 -0.07
N LEU A 155 3.84 -11.10 0.04
CA LEU A 155 4.92 -10.37 0.71
C LEU A 155 5.10 -10.84 2.15
N TYR A 156 4.00 -10.97 2.89
CA TYR A 156 4.11 -11.36 4.29
C TYR A 156 4.83 -12.70 4.44
N HIS A 157 4.55 -13.63 3.53
CA HIS A 157 5.09 -14.98 3.61
C HIS A 157 6.43 -15.13 2.90
N ASN A 158 6.97 -14.04 2.35
CA ASN A 158 8.22 -14.05 1.59
C ASN A 158 8.10 -14.90 0.33
N LYS A 159 6.89 -14.96 -0.23
CA LYS A 159 6.64 -15.79 -1.41
C LYS A 159 6.61 -15.00 -2.71
N LEU A 160 6.90 -13.70 -2.68
CA LEU A 160 7.00 -12.98 -3.94
C LEU A 160 8.27 -13.40 -4.67
N HIS A 161 8.28 -13.18 -5.98
CA HIS A 161 9.37 -13.63 -6.83
C HIS A 161 10.56 -12.67 -6.80
N VAL A 162 11.04 -12.41 -5.58
CA VAL A 162 12.23 -11.61 -5.31
C VAL A 162 12.93 -12.23 -4.11
N SER A 163 14.13 -11.75 -3.84
CA SER A 163 14.89 -12.29 -2.71
C SER A 163 14.13 -12.12 -1.41
N GLU A 164 14.31 -13.09 -0.51
CA GLU A 164 13.80 -12.94 0.85
C GLU A 164 14.27 -11.64 1.48
N ARG A 165 15.53 -11.28 1.26
CA ARG A 165 16.08 -10.06 1.86
C ARG A 165 15.31 -8.83 1.42
N SER A 166 15.04 -8.72 0.12
CA SER A 166 14.28 -7.56 -0.38
C SER A 166 12.92 -7.46 0.29
N GLN A 167 12.25 -8.60 0.49
CA GLN A 167 10.92 -8.59 1.10
C GLN A 167 11.01 -8.17 2.57
N ARG A 168 12.02 -8.68 3.28
CA ARG A 168 12.19 -8.28 4.68
C ARG A 168 12.42 -6.79 4.81
N ILE A 169 13.24 -6.22 3.93
CA ILE A 169 13.56 -4.80 4.03
C ILE A 169 12.32 -3.94 3.76
N VAL A 170 11.53 -4.32 2.74
CA VAL A 170 10.34 -3.55 2.43
C VAL A 170 9.32 -3.65 3.57
N LYS A 171 9.21 -4.84 4.18
CA LYS A 171 8.29 -4.96 5.32
C LYS A 171 8.75 -4.13 6.50
N GLN A 172 10.07 -4.01 6.70
CA GLN A 172 10.56 -3.08 7.70
C GLN A 172 10.13 -1.65 7.38
N ALA A 173 10.32 -1.24 6.12
CA ALA A 173 9.95 0.12 5.72
C ALA A 173 8.45 0.36 5.84
N MET A 174 7.63 -0.70 5.75
CA MET A 174 6.19 -0.54 5.88
C MET A 174 5.76 -0.29 7.31
N LEU A 175 6.65 -0.41 8.29
CA LEU A 175 6.25 -0.30 9.68
C LEU A 175 5.54 1.03 9.92
N THR A 176 4.36 0.96 10.52
CA THR A 176 3.54 2.15 10.74
C THR A 176 3.21 2.37 12.21
N GLU A 177 2.76 1.33 12.91
CA GLU A 177 2.38 1.43 14.32
C GLU A 177 2.71 0.13 15.02
N ALA A 178 3.08 0.22 16.29
CA ALA A 178 3.30 -0.99 17.08
C ALA A 178 3.16 -0.68 18.56
N ASN A 179 2.56 -1.62 19.29
CA ASN A 179 2.40 -1.51 20.74
C ASN A 179 2.37 -2.93 21.30
N GLY A 180 1.93 -3.07 22.55
CA GLY A 180 1.96 -4.37 23.18
C GLY A 180 0.88 -5.32 22.70
N ASP A 181 0.00 -4.85 21.82
CA ASP A 181 -1.14 -5.61 21.35
C ASP A 181 -1.08 -5.97 19.88
N TYR A 182 -0.41 -5.18 19.05
CA TYR A 182 -0.41 -5.43 17.61
C TYR A 182 0.71 -4.65 16.94
N ILE A 183 0.99 -5.04 15.70
CA ILE A 183 1.91 -4.35 14.81
C ILE A 183 1.16 -4.08 13.51
N ILE A 184 1.22 -2.86 13.00
CA ILE A 184 0.66 -2.53 11.70
C ILE A 184 1.80 -2.18 10.74
N ARG A 185 1.87 -2.92 9.64
CA ARG A 185 2.71 -2.59 8.50
C ARG A 185 1.78 -2.25 7.35
N ALA A 186 1.96 -1.08 6.75
CA ALA A 186 0.95 -0.60 5.81
C ALA A 186 1.51 0.54 4.97
N LYS A 187 0.71 0.94 3.97
CA LYS A 187 1.06 2.03 3.07
C LYS A 187 -0.19 2.80 2.69
N THR A 188 -0.13 4.13 2.81
CA THR A 188 -1.20 5.03 2.42
C THR A 188 -1.10 5.43 0.94
N GLY A 189 -2.20 5.93 0.41
CA GLY A 189 -2.23 6.47 -0.95
C GLY A 189 -3.35 7.48 -1.12
N TYR A 190 -3.10 8.47 -1.98
CA TYR A 190 -4.10 9.54 -2.21
C TYR A 190 -3.81 10.17 -3.56
N ASP A 191 -4.79 10.13 -4.48
CA ASP A 191 -4.59 10.61 -5.85
C ASP A 191 -5.47 11.81 -6.22
N THR A 192 -6.07 12.49 -5.24
CA THR A 192 -6.99 13.63 -5.36
C THR A 192 -8.45 13.17 -5.47
N LYS A 193 -8.70 11.89 -5.74
CA LYS A 193 -10.04 11.34 -5.88
C LYS A 193 -10.33 10.26 -4.86
N ILE A 194 -9.41 9.32 -4.66
CA ILE A 194 -9.60 8.22 -3.72
C ILE A 194 -8.39 8.13 -2.80
N GLY A 195 -8.62 7.65 -1.59
CA GLY A 195 -7.56 7.40 -0.62
C GLY A 195 -7.45 5.92 -0.34
N TRP A 196 -6.21 5.43 -0.20
CA TRP A 196 -5.91 4.04 0.08
C TRP A 196 -5.31 3.90 1.47
N TRP A 197 -5.56 2.75 2.11
CA TRP A 197 -4.68 2.22 3.16
C TRP A 197 -4.67 0.71 3.03
N VAL A 198 -3.49 0.12 2.81
CA VAL A 198 -3.37 -1.33 2.63
C VAL A 198 -2.22 -1.82 3.52
N GLY A 199 -2.39 -3.02 4.08
CA GLY A 199 -1.35 -3.55 4.96
C GLY A 199 -1.84 -4.76 5.72
N TRP A 200 -1.28 -4.96 6.92
CA TRP A 200 -1.77 -6.02 7.78
C TRP A 200 -1.53 -5.67 9.24
N VAL A 201 -2.26 -6.36 10.11
CA VAL A 201 -2.13 -6.25 11.55
C VAL A 201 -1.59 -7.58 12.06
N GLU A 202 -0.37 -7.56 12.59
CA GLU A 202 0.24 -8.72 13.20
C GLU A 202 -0.18 -8.84 14.66
N LEU A 203 -0.70 -10.00 15.02
CA LEU A 203 -1.01 -10.36 16.40
C LEU A 203 -0.10 -11.48 16.85
N ASP A 204 -0.18 -11.80 18.16
CA ASP A 204 0.58 -12.91 18.72
C ASP A 204 0.43 -14.19 17.90
N ASP A 205 -0.81 -14.54 17.53
CA ASP A 205 -1.09 -15.85 16.95
C ASP A 205 -1.80 -15.77 15.60
N ASN A 206 -1.91 -14.58 15.01
CA ASN A 206 -2.62 -14.44 13.74
C ASN A 206 -2.14 -13.17 13.05
N VAL A 207 -2.53 -13.04 11.79
CA VAL A 207 -2.32 -11.84 11.00
C VAL A 207 -3.61 -11.52 10.28
N TRP A 208 -4.06 -10.28 10.35
CA TRP A 208 -5.23 -9.82 9.61
C TRP A 208 -4.75 -8.86 8.53
N PHE A 209 -4.96 -9.23 7.29
CA PHE A 209 -4.63 -8.34 6.19
C PHE A 209 -5.79 -7.38 5.97
N PHE A 210 -5.47 -6.19 5.49
CA PHE A 210 -6.53 -5.23 5.19
C PHE A 210 -6.17 -4.43 3.95
N ALA A 211 -7.22 -4.01 3.25
CA ALA A 211 -7.09 -3.06 2.17
C ALA A 211 -8.37 -2.24 2.18
N MET A 212 -8.24 -0.93 2.25
CA MET A 212 -9.38 -0.05 2.22
C MET A 212 -9.15 1.05 1.21
N ASN A 213 -10.23 1.52 0.60
CA ASN A 213 -10.18 2.77 -0.13
C ASN A 213 -11.52 3.48 0.05
N MET A 214 -11.49 4.78 -0.16
CA MET A 214 -12.66 5.60 0.07
C MET A 214 -12.58 6.82 -0.82
N ASP A 215 -13.74 7.40 -1.15
CA ASP A 215 -13.76 8.65 -1.90
C ASP A 215 -13.19 9.76 -1.04
N MET A 216 -12.26 10.53 -1.61
CA MET A 216 -11.58 11.60 -0.88
C MET A 216 -11.62 12.88 -1.70
N PRO A 217 -12.71 13.63 -1.62
CA PRO A 217 -12.79 14.88 -2.39
C PRO A 217 -11.69 15.86 -2.03
N THR A 218 -11.37 15.96 -0.74
CA THR A 218 -10.39 16.93 -0.24
C THR A 218 -9.47 16.26 0.77
N SER A 219 -8.30 16.89 0.95
CA SER A 219 -7.30 16.40 1.90
C SER A 219 -7.76 16.42 3.35
N ASP A 220 -8.81 17.18 3.68
CA ASP A 220 -9.21 17.34 5.08
C ASP A 220 -9.48 16.00 5.75
N GLY A 221 -9.97 15.03 4.99
CA GLY A 221 -10.40 13.76 5.53
C GLY A 221 -9.40 12.64 5.40
N LEU A 222 -8.16 12.93 5.00
CA LEU A 222 -7.15 11.88 4.79
C LEU A 222 -7.03 10.97 6.01
N GLY A 223 -7.20 11.52 7.21
CA GLY A 223 -7.09 10.72 8.42
C GLY A 223 -8.22 9.74 8.61
N LEU A 224 -9.32 9.91 7.89
CA LEU A 224 -10.41 8.93 7.96
C LEU A 224 -9.96 7.57 7.45
N ARG A 225 -8.96 7.53 6.56
CA ARG A 225 -8.43 6.25 6.08
C ARG A 225 -8.06 5.35 7.24
N GLN A 226 -7.20 5.85 8.14
CA GLN A 226 -6.79 5.04 9.28
C GLN A 226 -7.90 4.94 10.32
N ALA A 227 -8.63 6.03 10.56
CA ALA A 227 -9.63 6.03 11.62
C ALA A 227 -10.74 5.04 11.33
N ILE A 228 -11.26 5.03 10.10
CA ILE A 228 -12.34 4.10 9.76
C ILE A 228 -11.84 2.67 9.83
N THR A 229 -10.64 2.41 9.32
CA THR A 229 -10.06 1.07 9.39
C THR A 229 -9.94 0.59 10.82
N LYS A 230 -9.37 1.44 11.69
CA LYS A 230 -9.21 1.05 13.09
C LYS A 230 -10.55 0.92 13.80
N GLU A 231 -11.55 1.70 13.39
CA GLU A 231 -12.88 1.51 13.98
C GLU A 231 -13.47 0.17 13.57
N VAL A 232 -13.18 -0.31 12.36
CA VAL A 232 -13.63 -1.63 11.96
C VAL A 232 -12.86 -2.71 12.72
N LEU A 233 -11.53 -2.58 12.76
CA LEU A 233 -10.72 -3.54 13.49
C LEU A 233 -11.18 -3.67 14.95
N LYS A 234 -11.51 -2.55 15.58
CA LYS A 234 -11.97 -2.58 16.96
C LYS A 234 -13.33 -3.25 17.07
N GLN A 235 -14.23 -2.99 16.12
CA GLN A 235 -15.55 -3.63 16.14
C GLN A 235 -15.44 -5.14 16.06
N GLU A 236 -14.53 -5.65 15.22
CA GLU A 236 -14.31 -7.08 15.08
C GLU A 236 -13.39 -7.65 16.15
N LYS A 237 -13.04 -6.84 17.15
CA LYS A 237 -12.20 -7.27 18.28
C LYS A 237 -10.84 -7.74 17.81
N ILE A 238 -10.37 -7.23 16.68
CA ILE A 238 -9.02 -7.55 16.21
C ILE A 238 -7.98 -6.77 17.00
N ILE A 239 -8.29 -5.53 17.36
CA ILE A 239 -7.43 -4.72 18.24
C ILE A 239 -8.29 -4.19 19.37
N PRO A 240 -7.67 -3.85 20.52
CA PRO A 240 -8.41 -3.33 21.68
C PRO A 240 -9.14 -2.03 21.37
#